data_3P5E
#
_entry.id   3P5E
#
_cell.length_a   79.31
_cell.length_b   79.31
_cell.length_c   89.58
_cell.angle_alpha   90.00
_cell.angle_beta   90.00
_cell.angle_gamma   90.00
#
_symmetry.space_group_name_H-M   'P 42'
#
loop_
_entity.id
_entity.type
_entity.pdbx_description
1 polymer 'C-type lectin domain family 4 member K'
2 non-polymer alpha-D-mannopyranose
3 non-polymer 'CALCIUM ION'
4 water water
#
_entity_poly.entity_id   1
_entity_poly.type   'polypeptide(L)'
_entity_poly.pdbx_seq_one_letter_code
;QVVSQGWKYFKGNFYYFSLIPKTWYSAEQFCVSRNSHLTSVTSESEQEFLYKTAGGLIYWIGLTKAGMEGDWSWVDDTPF
NKVQSARFWIPGEPNNAGNNEHCGNIKAPSLQAWNDAPCDKTFLFICKRPYVPSEP
;
_entity_poly.pdbx_strand_id   A,B,C,D
#
loop_
_chem_comp.id
_chem_comp.type
_chem_comp.name
_chem_comp.formula
CA non-polymer 'CALCIUM ION' 'Ca 2'
MAN D-saccharide, alpha linking alpha-D-mannopyranose 'C6 H12 O6'
#
# COMPACT_ATOMS: atom_id res chain seq x y z
N GLY A 6 5.42 -24.99 -13.14
CA GLY A 6 5.18 -24.46 -14.47
C GLY A 6 4.17 -23.32 -14.49
N TRP A 7 4.67 -22.13 -14.79
CA TRP A 7 3.82 -20.96 -14.89
C TRP A 7 3.23 -20.83 -16.29
N LYS A 8 1.96 -20.43 -16.35
CA LYS A 8 1.29 -20.24 -17.63
C LYS A 8 1.22 -18.76 -17.97
N TYR A 9 1.37 -18.43 -19.25
CA TYR A 9 1.46 -17.04 -19.67
C TYR A 9 0.18 -16.52 -20.31
N PHE A 10 -0.24 -15.34 -19.87
CA PHE A 10 -1.42 -14.71 -20.44
C PHE A 10 -1.35 -13.20 -20.27
N LYS A 11 -1.37 -12.51 -21.41
CA LYS A 11 -1.44 -11.04 -21.50
C LYS A 11 -0.58 -10.30 -20.49
N GLY A 12 0.72 -10.60 -20.52
CA GLY A 12 1.66 -9.84 -19.71
C GLY A 12 1.90 -10.33 -18.30
N ASN A 13 1.23 -11.41 -17.91
CA ASN A 13 1.40 -11.99 -16.58
C ASN A 13 1.62 -13.51 -16.66
N PHE A 14 2.35 -14.04 -15.69
CA PHE A 14 2.49 -15.48 -15.50
C PHE A 14 1.59 -15.90 -14.35
N TYR A 15 1.03 -17.10 -14.45
CA TYR A 15 0.09 -17.62 -13.46
C TYR A 15 0.52 -19.01 -13.02
N TYR A 16 0.42 -19.25 -11.72
CA TYR A 16 0.78 -20.52 -11.13
C TYR A 16 -0.48 -21.14 -10.55
N PHE A 17 -0.89 -22.26 -11.14
CA PHE A 17 -2.04 -23.01 -10.66
C PHE A 17 -1.52 -24.11 -9.75
N SER A 18 -1.77 -23.98 -8.44
CA SER A 18 -1.09 -24.85 -7.49
C SER A 18 -1.55 -26.30 -7.58
N LEU A 19 -0.70 -27.20 -7.13
CA LEU A 19 -1.00 -28.63 -7.11
C LEU A 19 -1.37 -29.08 -5.69
N ILE A 20 -1.06 -28.24 -4.72
CA ILE A 20 -1.35 -28.52 -3.31
CA ILE A 20 -1.41 -28.56 -3.35
C ILE A 20 -2.30 -27.47 -2.75
N PRO A 21 -3.25 -27.88 -1.90
CA PRO A 21 -4.19 -26.92 -1.33
C PRO A 21 -3.64 -26.24 -0.06
N LYS A 22 -4.05 -24.99 0.15
CA LYS A 22 -3.68 -24.23 1.32
C LYS A 22 -4.83 -23.31 1.73
N THR A 23 -4.81 -22.81 2.97
CA THR A 23 -5.73 -21.75 3.35
C THR A 23 -5.44 -20.53 2.49
N TRP A 24 -6.38 -19.59 2.45
CA TRP A 24 -6.19 -18.38 1.66
C TRP A 24 -4.87 -17.70 2.01
N TYR A 25 -4.63 -17.44 3.28
CA TYR A 25 -3.41 -16.70 3.64
C TYR A 25 -2.13 -17.48 3.41
N SER A 26 -2.12 -18.77 3.72
CA SER A 26 -0.93 -19.57 3.48
C SER A 26 -0.63 -19.61 1.98
N ALA A 27 -1.69 -19.64 1.18
CA ALA A 27 -1.56 -19.53 -0.27
C ALA A 27 -0.90 -18.22 -0.66
N GLU A 28 -1.42 -17.12 -0.14
CA GLU A 28 -0.88 -15.79 -0.45
C GLU A 28 0.61 -15.70 -0.11
N GLN A 29 0.99 -16.25 1.05
CA GLN A 29 2.38 -16.27 1.45
C GLN A 29 3.24 -17.09 0.50
N PHE A 30 2.70 -18.20 0.01
CA PHE A 30 3.41 -18.96 -0.99
C PHE A 30 3.61 -18.07 -2.21
N CYS A 31 2.53 -17.40 -2.65
CA CYS A 31 2.66 -16.54 -3.82
C CYS A 31 3.73 -15.48 -3.58
N VAL A 32 3.67 -14.84 -2.42
CA VAL A 32 4.61 -13.76 -2.12
C VAL A 32 6.06 -14.26 -2.14
N SER A 33 6.27 -15.49 -1.69
CA SER A 33 7.61 -16.09 -1.72
C SER A 33 8.10 -16.33 -3.13
N ARG A 34 7.17 -16.36 -4.09
CA ARG A 34 7.54 -16.51 -5.48
C ARG A 34 7.38 -15.20 -6.23
N ASN A 35 7.51 -14.08 -5.52
CA ASN A 35 7.43 -12.76 -6.13
C ASN A 35 6.11 -12.53 -6.87
N SER A 36 5.02 -12.97 -6.25
CA SER A 36 3.70 -12.86 -6.87
C SER A 36 2.65 -12.62 -5.80
N HIS A 37 1.39 -12.68 -6.22
CA HIS A 37 0.25 -12.51 -5.32
C HIS A 37 -0.85 -13.42 -5.80
N LEU A 38 -1.77 -13.79 -4.94
CA LEU A 38 -2.97 -14.44 -5.42
C LEU A 38 -3.59 -13.56 -6.48
N THR A 39 -4.11 -14.16 -7.54
CA THR A 39 -4.44 -13.38 -8.73
C THR A 39 -5.62 -12.42 -8.58
N SER A 40 -5.48 -11.24 -9.16
CA SER A 40 -6.60 -10.34 -9.39
C SER A 40 -7.29 -10.75 -10.69
N VAL A 41 -8.49 -10.22 -10.90
CA VAL A 41 -9.22 -10.47 -12.14
C VAL A 41 -9.77 -9.14 -12.64
N THR A 42 -9.29 -8.70 -13.80
CA THR A 42 -9.53 -7.32 -14.23
C THR A 42 -10.24 -7.20 -15.58
N SER A 43 -10.59 -8.33 -16.18
CA SER A 43 -11.29 -8.28 -17.46
C SER A 43 -12.03 -9.58 -17.69
N GLU A 44 -12.97 -9.55 -18.64
CA GLU A 44 -13.65 -10.77 -19.03
C GLU A 44 -12.67 -11.80 -19.60
N SER A 45 -11.71 -11.35 -20.39
CA SER A 45 -10.75 -12.29 -20.98
C SER A 45 -9.90 -12.97 -19.92
N GLU A 46 -9.53 -12.22 -18.88
CA GLU A 46 -8.74 -12.83 -17.80
C GLU A 46 -9.60 -13.81 -16.98
N GLN A 47 -10.84 -13.43 -16.70
CA GLN A 47 -11.75 -14.34 -16.00
C GLN A 47 -11.88 -15.62 -16.81
N GLU A 48 -12.06 -15.47 -18.13
CA GLU A 48 -12.21 -16.63 -18.99
C GLU A 48 -10.95 -17.50 -18.99
N PHE A 49 -9.78 -16.88 -19.11
CA PHE A 49 -8.53 -17.63 -19.04
C PHE A 49 -8.43 -18.40 -17.72
N LEU A 50 -8.76 -17.74 -16.62
CA LEU A 50 -8.65 -18.35 -15.32
C LEU A 50 -9.61 -19.53 -15.14
N TYR A 51 -10.89 -19.33 -15.43
CA TYR A 51 -11.86 -20.38 -15.12
C TYR A 51 -11.69 -21.56 -16.07
N LYS A 52 -11.33 -21.28 -17.32
CA LYS A 52 -11.08 -22.37 -18.24
C LYS A 52 -9.86 -23.18 -17.83
N THR A 53 -8.80 -22.50 -17.42
CA THR A 53 -7.59 -23.19 -17.00
C THR A 53 -7.82 -23.97 -15.70
N ALA A 54 -8.68 -23.43 -14.84
CA ALA A 54 -9.02 -24.08 -13.56
C ALA A 54 -9.68 -25.43 -13.82
N GLY A 55 -10.28 -25.59 -14.99
CA GLY A 55 -10.85 -26.86 -15.39
C GLY A 55 -11.85 -27.47 -14.42
N GLY A 56 -12.64 -26.63 -13.75
CA GLY A 56 -13.68 -27.13 -12.85
C GLY A 56 -13.27 -27.41 -11.43
N LEU A 57 -12.01 -27.15 -11.09
CA LEU A 57 -11.55 -27.26 -9.71
C LEU A 57 -11.62 -25.89 -9.05
N ILE A 58 -11.73 -25.90 -7.72
CA ILE A 58 -11.84 -24.66 -6.96
C ILE A 58 -10.46 -24.10 -6.60
N TYR A 59 -10.23 -22.83 -6.89
CA TYR A 59 -8.94 -22.20 -6.62
C TYR A 59 -9.13 -20.89 -5.90
N TRP A 60 -8.39 -20.70 -4.81
CA TRP A 60 -8.33 -19.36 -4.21
C TRP A 60 -7.82 -18.34 -5.21
N ILE A 61 -8.45 -17.17 -5.24
CA ILE A 61 -7.90 -16.03 -5.95
C ILE A 61 -7.67 -14.88 -4.96
N GLY A 62 -7.23 -13.72 -5.44
CA GLY A 62 -6.78 -12.66 -4.56
C GLY A 62 -7.90 -11.83 -3.94
N LEU A 63 -9.12 -12.34 -3.95
CA LEU A 63 -10.26 -11.63 -3.38
C LEU A 63 -10.29 -11.70 -1.87
N THR A 64 -10.36 -10.55 -1.19
CA THR A 64 -10.48 -10.56 0.27
C THR A 64 -11.10 -9.23 0.75
N LYS A 65 -11.61 -9.19 1.97
CA LYS A 65 -12.24 -7.95 2.45
C LYS A 65 -11.28 -6.91 3.01
N ALA A 66 -11.62 -5.65 2.80
CA ALA A 66 -10.89 -4.52 3.37
C ALA A 66 -11.89 -3.45 3.82
N GLY A 67 -11.52 -2.70 4.86
CA GLY A 67 -12.38 -1.65 5.38
C GLY A 67 -13.49 -2.17 6.27
N MET A 68 -14.01 -1.30 7.12
CA MET A 68 -15.07 -1.66 8.07
C MET A 68 -16.31 -2.18 7.38
N GLU A 69 -16.60 -1.64 6.20
CA GLU A 69 -17.85 -1.94 5.51
C GLU A 69 -17.82 -3.32 4.86
N GLY A 70 -16.69 -4.00 4.98
CA GLY A 70 -16.53 -5.33 4.38
C GLY A 70 -16.52 -5.28 2.87
N ASP A 71 -15.93 -4.23 2.30
CA ASP A 71 -15.82 -4.11 0.86
C ASP A 71 -14.81 -5.13 0.35
N TRP A 72 -15.09 -5.67 -0.82
CA TRP A 72 -14.13 -6.57 -1.44
C TRP A 72 -12.95 -5.80 -2.00
N SER A 73 -11.81 -6.48 -2.09
CA SER A 73 -10.57 -5.86 -2.50
C SER A 73 -9.67 -6.92 -3.10
N TRP A 74 -8.62 -6.49 -3.78
CA TRP A 74 -7.65 -7.41 -4.34
C TRP A 74 -6.37 -7.32 -3.55
N VAL A 75 -5.81 -8.46 -3.21
CA VAL A 75 -4.61 -8.44 -2.37
C VAL A 75 -3.39 -7.83 -3.08
N ASP A 76 -3.38 -7.86 -4.43
CA ASP A 76 -2.29 -7.23 -5.18
C ASP A 76 -2.49 -5.72 -5.33
N ASP A 77 -3.53 -5.20 -4.69
CA ASP A 77 -3.83 -3.76 -4.64
C ASP A 77 -4.44 -3.17 -5.89
N THR A 78 -4.78 -4.02 -6.86
CA THR A 78 -5.65 -3.58 -7.92
C THR A 78 -6.92 -3.02 -7.31
N PRO A 79 -7.28 -1.77 -7.63
CA PRO A 79 -8.55 -1.26 -7.11
C PRO A 79 -9.70 -2.18 -7.51
N PHE A 80 -10.58 -2.49 -6.56
CA PHE A 80 -11.70 -3.35 -6.83
C PHE A 80 -12.88 -2.55 -7.40
N ASN A 81 -13.37 -2.97 -8.56
CA ASN A 81 -14.43 -2.26 -9.26
C ASN A 81 -15.76 -2.98 -9.06
N LYS A 82 -16.57 -2.49 -8.12
CA LYS A 82 -17.81 -3.19 -7.78
C LYS A 82 -18.74 -3.35 -8.98
N VAL A 83 -18.76 -2.34 -9.84
CA VAL A 83 -19.65 -2.35 -10.99
C VAL A 83 -19.18 -3.33 -12.06
N GLN A 84 -17.90 -3.25 -12.40
CA GLN A 84 -17.37 -4.10 -13.46
C GLN A 84 -17.21 -5.56 -13.05
N SER A 85 -17.17 -5.83 -11.75
CA SER A 85 -16.94 -7.18 -11.25
CA SER A 85 -16.95 -7.18 -11.26
C SER A 85 -18.25 -7.91 -10.94
N ALA A 86 -19.35 -7.17 -10.96
CA ALA A 86 -20.66 -7.72 -10.59
C ALA A 86 -20.98 -9.00 -11.36
N ARG A 87 -20.59 -9.05 -12.62
CA ARG A 87 -20.92 -10.18 -13.47
C ARG A 87 -20.03 -11.41 -13.27
N PHE A 88 -19.08 -11.33 -12.34
CA PHE A 88 -18.11 -12.43 -12.17
C PHE A 88 -18.43 -13.37 -11.00
N TRP A 89 -19.35 -12.95 -10.13
CA TRP A 89 -19.78 -13.79 -9.02
C TRP A 89 -20.79 -14.82 -9.49
N ILE A 90 -20.76 -16.00 -8.88
CA ILE A 90 -21.87 -16.95 -8.99
C ILE A 90 -23.16 -16.29 -8.46
N PRO A 91 -24.27 -16.48 -9.20
CA PRO A 91 -25.55 -15.92 -8.73
C PRO A 91 -25.81 -16.23 -7.26
N GLY A 92 -26.10 -15.20 -6.46
CA GLY A 92 -26.30 -15.38 -5.04
C GLY A 92 -25.07 -15.04 -4.19
N GLU A 93 -23.92 -14.96 -4.84
CA GLU A 93 -22.70 -14.61 -4.14
C GLU A 93 -22.34 -13.16 -4.46
N PRO A 94 -21.58 -12.50 -3.57
CA PRO A 94 -21.13 -13.02 -2.28
C PRO A 94 -22.30 -13.05 -1.29
N ASN A 95 -22.39 -14.11 -0.48
CA ASN A 95 -23.51 -14.23 0.45
C ASN A 95 -23.11 -14.20 1.92
N ASN A 96 -21.81 -14.22 2.16
CA ASN A 96 -21.26 -14.20 3.52
C ASN A 96 -21.91 -15.23 4.45
N ALA A 97 -21.66 -16.51 4.19
CA ALA A 97 -22.24 -17.60 4.97
C ALA A 97 -21.65 -17.74 6.36
N GLY A 98 -22.51 -17.96 7.35
CA GLY A 98 -22.07 -18.08 8.72
C GLY A 98 -21.37 -16.83 9.18
N ASN A 99 -21.63 -15.73 8.46
CA ASN A 99 -20.94 -14.47 8.69
C ASN A 99 -19.43 -14.67 8.81
N ASN A 100 -18.86 -15.47 7.90
CA ASN A 100 -17.48 -15.88 8.04
C ASN A 100 -16.81 -16.19 6.69
N GLU A 101 -17.24 -15.52 5.64
CA GLU A 101 -16.66 -15.73 4.32
C GLU A 101 -16.05 -14.43 3.80
N HIS A 102 -14.77 -14.26 4.10
CA HIS A 102 -14.09 -13.01 3.87
C HIS A 102 -12.98 -13.12 2.84
N CYS A 103 -12.94 -14.25 2.15
CA CYS A 103 -12.00 -14.50 1.04
C CYS A 103 -12.78 -15.08 -0.12
N GLY A 104 -12.22 -14.97 -1.32
CA GLY A 104 -12.94 -15.43 -2.50
C GLY A 104 -12.16 -16.41 -3.36
N ASN A 105 -12.88 -17.31 -4.02
CA ASN A 105 -12.28 -18.26 -4.94
C ASN A 105 -12.97 -18.31 -6.29
N ILE A 106 -12.32 -18.92 -7.27
CA ILE A 106 -12.97 -19.33 -8.50
C ILE A 106 -13.54 -20.72 -8.25
N LYS A 107 -14.86 -20.84 -8.38
CA LYS A 107 -15.56 -22.09 -8.06
C LYS A 107 -16.26 -22.70 -9.28
N ALA A 108 -17.09 -21.92 -9.96
CA ALA A 108 -17.83 -22.45 -11.12
C ALA A 108 -17.11 -22.17 -12.43
N PRO A 109 -17.06 -23.16 -13.33
CA PRO A 109 -16.49 -22.92 -14.65
C PRO A 109 -17.48 -22.17 -15.55
N SER A 110 -17.55 -20.86 -15.31
CA SER A 110 -18.49 -19.98 -16.00
C SER A 110 -17.95 -18.57 -15.78
N LEU A 111 -18.31 -17.63 -16.64
CA LEU A 111 -17.96 -16.23 -16.38
C LEU A 111 -18.45 -15.82 -15.00
N GLN A 112 -19.55 -16.41 -14.55
CA GLN A 112 -20.03 -16.22 -13.20
C GLN A 112 -19.44 -17.32 -12.34
N ALA A 113 -18.25 -17.03 -11.81
CA ALA A 113 -17.38 -18.06 -11.28
C ALA A 113 -17.14 -17.96 -9.78
N TRP A 114 -17.15 -16.73 -9.23
CA TRP A 114 -16.64 -16.51 -7.88
C TRP A 114 -17.59 -16.88 -6.77
N ASN A 115 -17.03 -17.44 -5.70
CA ASN A 115 -17.74 -17.62 -4.43
C ASN A 115 -16.93 -17.03 -3.28
N ASP A 116 -17.62 -16.48 -2.29
CA ASP A 116 -16.96 -16.14 -1.05
C ASP A 116 -17.02 -17.35 -0.12
N ALA A 117 -15.88 -17.67 0.49
CA ALA A 117 -15.73 -18.85 1.34
C ALA A 117 -14.89 -18.50 2.57
N PRO A 118 -14.95 -19.33 3.61
CA PRO A 118 -14.17 -19.04 4.82
C PRO A 118 -12.67 -19.08 4.51
N CYS A 119 -11.96 -18.05 4.95
CA CYS A 119 -10.53 -17.93 4.67
C CYS A 119 -9.71 -19.14 5.14
N ASP A 120 -10.21 -19.88 6.13
CA ASP A 120 -9.42 -20.97 6.71
C ASP A 120 -9.64 -22.31 6.01
N LYS A 121 -10.52 -22.32 5.01
CA LYS A 121 -10.71 -23.51 4.19
C LYS A 121 -9.49 -23.69 3.28
N THR A 122 -9.13 -24.94 2.99
CA THR A 122 -8.00 -25.22 2.12
C THR A 122 -8.46 -25.55 0.69
N PHE A 123 -7.87 -24.86 -0.28
CA PHE A 123 -8.15 -25.08 -1.69
C PHE A 123 -6.85 -24.92 -2.44
N LEU A 124 -6.80 -25.46 -3.66
CA LEU A 124 -5.75 -25.06 -4.59
C LEU A 124 -5.84 -23.55 -4.78
N PHE A 125 -4.82 -22.94 -5.39
CA PHE A 125 -4.77 -21.49 -5.48
C PHE A 125 -4.03 -21.04 -6.73
N ILE A 126 -4.25 -19.79 -7.11
CA ILE A 126 -3.64 -19.23 -8.31
C ILE A 126 -2.83 -17.97 -8.01
N CYS A 127 -1.53 -18.03 -8.27
CA CYS A 127 -0.65 -16.85 -8.18
C CYS A 127 -0.53 -16.17 -9.52
N LYS A 128 -0.34 -14.85 -9.47
CA LYS A 128 -0.16 -14.00 -10.64
C LYS A 128 1.10 -13.17 -10.45
N ARG A 129 1.96 -13.19 -11.47
CA ARG A 129 3.25 -12.52 -11.44
CA ARG A 129 3.23 -12.50 -11.43
C ARG A 129 3.41 -11.73 -12.74
N PRO A 130 3.69 -10.43 -12.65
CA PRO A 130 3.81 -9.71 -13.92
C PRO A 130 5.11 -10.08 -14.62
N TYR A 131 5.11 -10.04 -15.95
CA TYR A 131 6.38 -10.11 -16.67
C TYR A 131 6.91 -8.69 -16.83
N VAL A 132 8.15 -8.46 -16.41
CA VAL A 132 8.76 -7.16 -16.63
C VAL A 132 9.88 -7.21 -17.67
N PRO A 133 9.59 -6.76 -18.91
CA PRO A 133 10.62 -6.79 -19.95
C PRO A 133 11.81 -5.92 -19.57
N GLY B 6 27.01 8.63 2.05
CA GLY B 6 26.92 9.62 3.09
C GLY B 6 25.71 9.45 3.99
N TRP B 7 25.17 8.24 4.03
CA TRP B 7 24.04 7.94 4.90
C TRP B 7 24.44 7.96 6.37
N LYS B 8 23.59 8.55 7.21
CA LYS B 8 23.82 8.58 8.65
C LYS B 8 22.98 7.52 9.34
N TYR B 9 23.49 6.94 10.42
CA TYR B 9 22.82 5.82 11.05
C TYR B 9 22.21 6.18 12.40
N PHE B 10 20.98 5.74 12.64
CA PHE B 10 20.34 5.97 13.92
C PHE B 10 19.25 4.94 14.16
N LYS B 11 19.41 4.18 15.24
CA LYS B 11 18.39 3.25 15.73
C LYS B 11 17.77 2.40 14.63
N GLY B 12 18.62 1.73 13.87
CA GLY B 12 18.16 0.73 12.92
C GLY B 12 17.82 1.25 11.54
N ASN B 13 17.98 2.56 11.33
CA ASN B 13 17.67 3.19 10.07
C ASN B 13 18.86 4.02 9.58
N PHE B 14 18.98 4.15 8.27
CA PHE B 14 19.96 5.03 7.65
C PHE B 14 19.24 6.22 7.07
N TYR B 15 19.89 7.38 7.11
CA TYR B 15 19.29 8.64 6.67
C TYR B 15 20.19 9.40 5.70
N TYR B 16 19.59 9.97 4.67
CA TYR B 16 20.34 10.75 3.68
C TYR B 16 19.87 12.20 3.73
N PHE B 17 20.76 13.09 4.12
CA PHE B 17 20.43 14.51 4.12
C PHE B 17 20.94 15.10 2.81
N SER B 18 20.05 15.57 1.95
CA SER B 18 20.46 15.94 0.61
C SER B 18 21.27 17.22 0.57
N LEU B 19 22.05 17.38 -0.50
CA LEU B 19 22.83 18.60 -0.70
C LEU B 19 22.19 19.49 -1.78
N ILE B 20 21.25 18.91 -2.53
CA ILE B 20 20.56 19.59 -3.62
C ILE B 20 19.07 19.66 -3.28
N PRO B 21 18.43 20.80 -3.55
CA PRO B 21 17.00 20.94 -3.23
C PRO B 21 16.11 20.45 -4.38
N LYS B 22 14.91 19.99 -4.02
CA LYS B 22 13.97 19.42 -4.97
C LYS B 22 12.54 19.70 -4.48
N THR B 23 11.57 19.61 -5.38
CA THR B 23 10.18 19.65 -4.94
C THR B 23 9.95 18.40 -4.10
N TRP B 24 8.86 18.38 -3.35
CA TRP B 24 8.59 17.22 -2.50
C TRP B 24 8.56 15.92 -3.29
N TYR B 25 7.84 15.91 -4.42
CA TYR B 25 7.70 14.66 -5.16
C TYR B 25 8.98 14.24 -5.88
N SER B 26 9.71 15.19 -6.45
CA SER B 26 10.96 14.85 -7.08
C SER B 26 11.96 14.37 -6.03
N ALA B 27 11.81 14.86 -4.81
CA ALA B 27 12.64 14.39 -3.71
C ALA B 27 12.28 12.94 -3.35
N GLU B 28 10.98 12.69 -3.17
CA GLU B 28 10.51 11.33 -2.91
C GLU B 28 11.00 10.35 -3.99
N GLN B 29 10.91 10.76 -5.25
CA GLN B 29 11.38 9.90 -6.33
C GLN B 29 12.88 9.64 -6.27
N PHE B 30 13.64 10.64 -5.82
CA PHE B 30 15.07 10.44 -5.61
C PHE B 30 15.26 9.41 -4.50
N CYS B 31 14.55 9.57 -3.39
CA CYS B 31 14.66 8.60 -2.30
C CYS B 31 14.37 7.18 -2.80
N VAL B 32 13.29 7.04 -3.57
CA VAL B 32 12.87 5.72 -3.99
C VAL B 32 13.93 5.09 -4.90
N SER B 33 14.59 5.93 -5.69
CA SER B 33 15.66 5.46 -6.56
C SER B 33 16.85 4.96 -5.76
N ARG B 34 16.89 5.32 -4.48
CA ARG B 34 17.96 4.88 -3.59
C ARG B 34 17.42 3.90 -2.56
N ASN B 35 16.32 3.24 -2.92
CA ASN B 35 15.68 2.25 -2.06
C ASN B 35 15.30 2.80 -0.70
N SER B 36 14.72 3.99 -0.70
CA SER B 36 14.31 4.66 0.54
C SER B 36 13.05 5.47 0.30
N HIS B 37 12.63 6.23 1.31
CA HIS B 37 11.49 7.15 1.18
C HIS B 37 11.83 8.42 1.94
N LEU B 38 11.15 9.51 1.63
CA LEU B 38 11.26 10.65 2.53
C LEU B 38 10.93 10.19 3.94
N THR B 39 11.69 10.70 4.91
CA THR B 39 11.66 10.13 6.25
C THR B 39 10.35 10.29 7.02
N SER B 40 9.95 9.23 7.71
CA SER B 40 8.94 9.32 8.74
C SER B 40 9.62 9.72 10.05
N VAL B 41 8.83 10.10 11.04
CA VAL B 41 9.33 10.49 12.35
C VAL B 41 8.41 9.86 13.39
N THR B 42 8.94 8.96 14.20
CA THR B 42 8.07 8.16 15.07
C THR B 42 8.43 8.16 16.56
N SER B 43 9.34 9.02 16.95
CA SER B 43 9.69 9.14 18.35
C SER B 43 10.37 10.47 18.59
N GLU B 44 10.40 10.87 19.86
CA GLU B 44 11.10 12.08 20.23
C GLU B 44 12.59 12.00 19.90
N SER B 45 13.21 10.85 20.18
CA SER B 45 14.64 10.74 19.89
C SER B 45 14.93 10.84 18.40
N GLU B 46 14.03 10.31 17.57
CA GLU B 46 14.22 10.45 16.12
C GLU B 46 14.05 11.91 15.66
N GLN B 47 13.01 12.57 16.18
CA GLN B 47 12.78 13.97 15.89
C GLN B 47 14.00 14.79 16.27
N GLU B 48 14.57 14.50 17.44
CA GLU B 48 15.77 15.19 17.92
C GLU B 48 16.98 14.92 17.01
N PHE B 49 17.20 13.65 16.68
CA PHE B 49 18.25 13.32 15.74
C PHE B 49 18.10 14.13 14.45
N LEU B 50 16.88 14.22 13.94
CA LEU B 50 16.66 14.87 12.64
C LEU B 50 16.82 16.39 12.69
N TYR B 51 16.22 17.04 13.68
CA TYR B 51 16.30 18.50 13.66
C TYR B 51 17.71 18.96 14.00
N LYS B 52 18.38 18.23 14.88
CA LYS B 52 19.75 18.59 15.23
C LYS B 52 20.69 18.40 14.06
N THR B 53 20.53 17.29 13.33
CA THR B 53 21.35 17.08 12.15
C THR B 53 21.05 18.08 11.04
N ALA B 54 19.79 18.50 10.94
CA ALA B 54 19.37 19.47 9.95
C ALA B 54 20.04 20.83 10.15
N GLY B 55 20.41 21.12 11.39
CA GLY B 55 21.25 22.27 11.70
C GLY B 55 20.66 23.59 11.23
N GLY B 56 19.33 23.69 11.28
CA GLY B 56 18.64 24.95 11.03
C GLY B 56 18.24 25.22 9.59
N LEU B 57 18.52 24.27 8.71
CA LEU B 57 18.09 24.36 7.32
C LEU B 57 16.77 23.59 7.16
N ILE B 58 16.00 23.97 6.15
CA ILE B 58 14.70 23.35 5.89
C ILE B 58 14.85 22.11 5.02
N TYR B 59 14.29 20.98 5.48
CA TYR B 59 14.35 19.73 4.74
C TYR B 59 12.95 19.14 4.62
N TRP B 60 12.56 18.79 3.39
CA TRP B 60 11.35 17.99 3.20
C TRP B 60 11.46 16.70 3.99
N ILE B 61 10.37 16.30 4.64
CA ILE B 61 10.27 14.96 5.19
C ILE B 61 9.06 14.25 4.57
N GLY B 62 8.76 13.03 5.00
CA GLY B 62 7.75 12.23 4.30
C GLY B 62 6.30 12.55 4.64
N LEU B 63 6.06 13.75 5.16
CA LEU B 63 4.71 14.21 5.51
C LEU B 63 3.94 14.62 4.27
N THR B 64 2.76 14.03 4.09
CA THR B 64 1.90 14.42 2.97
C THR B 64 0.46 14.01 3.26
N LYS B 65 -0.49 14.64 2.57
CA LYS B 65 -1.90 14.38 2.84
C LYS B 65 -2.41 13.15 2.09
N ALA B 66 -3.38 12.46 2.70
CA ALA B 66 -4.03 11.30 2.11
C ALA B 66 -5.47 11.20 2.61
N GLY B 67 -6.34 10.62 1.80
CA GLY B 67 -7.75 10.52 2.16
C GLY B 67 -8.49 11.84 1.95
N MET B 68 -9.81 11.75 1.86
CA MET B 68 -10.65 12.90 1.56
C MET B 68 -10.57 13.98 2.63
N GLU B 69 -10.46 13.56 3.89
CA GLU B 69 -10.47 14.49 5.02
C GLU B 69 -9.20 15.33 5.11
N GLY B 70 -8.18 14.97 4.33
CA GLY B 70 -6.93 15.71 4.31
C GLY B 70 -6.08 15.40 5.51
N ASP B 71 -6.14 14.15 5.96
CA ASP B 71 -5.34 13.72 7.08
C ASP B 71 -3.88 13.58 6.68
N TRP B 72 -3.00 13.92 7.60
CA TRP B 72 -1.58 13.78 7.32
C TRP B 72 -1.20 12.31 7.34
N SER B 73 -0.20 11.96 6.55
CA SER B 73 0.26 10.59 6.45
C SER B 73 1.75 10.57 6.17
N TRP B 74 2.33 9.37 6.22
CA TRP B 74 3.75 9.17 5.95
C TRP B 74 3.88 8.43 4.63
N VAL B 75 4.74 8.93 3.75
CA VAL B 75 4.89 8.33 2.44
C VAL B 75 5.50 6.91 2.54
N ASP B 76 6.26 6.65 3.59
CA ASP B 76 6.81 5.31 3.74
C ASP B 76 5.78 4.29 4.29
N ASP B 77 4.54 4.74 4.41
CA ASP B 77 3.39 3.94 4.89
C ASP B 77 3.35 3.63 6.38
N THR B 78 4.28 4.18 7.16
CA THR B 78 4.15 4.13 8.60
C THR B 78 2.80 4.75 8.97
N PRO B 79 1.98 4.04 9.74
CA PRO B 79 0.71 4.65 10.15
C PRO B 79 0.98 5.98 10.90
N PHE B 80 0.20 7.01 10.61
CA PHE B 80 0.44 8.33 11.20
C PHE B 80 -0.23 8.42 12.56
N ASN B 81 0.56 8.68 13.59
CA ASN B 81 0.04 8.80 14.95
C ASN B 81 -0.27 10.27 15.23
N LYS B 82 -1.53 10.67 15.09
CA LYS B 82 -1.86 12.08 15.22
C LYS B 82 -1.59 12.59 16.63
N VAL B 83 -1.93 11.78 17.63
CA VAL B 83 -1.75 12.19 19.02
C VAL B 83 -0.27 12.47 19.31
N GLN B 84 0.58 11.52 18.96
CA GLN B 84 1.98 11.60 19.32
C GLN B 84 2.76 12.56 18.44
N SER B 85 2.16 12.96 17.33
CA SER B 85 2.81 13.86 16.39
C SER B 85 2.48 15.31 16.67
N ALA B 86 1.44 15.55 17.47
CA ALA B 86 1.01 16.92 17.73
C ALA B 86 2.16 17.78 18.26
N ARG B 87 2.99 17.17 19.12
CA ARG B 87 4.13 17.82 19.75
C ARG B 87 5.24 18.20 18.76
N PHE B 88 5.15 17.70 17.52
CA PHE B 88 6.25 17.87 16.56
C PHE B 88 6.05 19.01 15.57
N TRP B 89 4.84 19.56 15.52
CA TRP B 89 4.56 20.72 14.66
C TRP B 89 4.99 22.02 15.34
N ILE B 90 5.50 22.96 14.56
CA ILE B 90 5.64 24.33 15.04
C ILE B 90 4.25 24.83 15.45
N PRO B 91 4.15 25.51 16.60
CA PRO B 91 2.88 26.10 17.03
C PRO B 91 2.19 26.83 15.90
N GLY B 92 0.90 26.56 15.69
CA GLY B 92 0.17 27.18 14.60
C GLY B 92 0.13 26.38 13.31
N GLU B 93 0.99 25.37 13.21
CA GLU B 93 1.01 24.48 12.04
C GLU B 93 0.36 23.15 12.43
N PRO B 94 -0.20 22.45 11.43
CA PRO B 94 -0.27 22.87 10.02
C PRO B 94 -1.36 23.91 9.80
N ASN B 95 -1.07 24.94 9.03
CA ASN B 95 -2.03 26.01 8.81
C ASN B 95 -2.60 26.11 7.38
N ASN B 96 -2.19 25.20 6.50
CA ASN B 96 -2.70 25.16 5.13
C ASN B 96 -2.78 26.54 4.48
N ALA B 97 -1.68 27.30 4.57
CA ALA B 97 -1.62 28.64 4.00
C ALA B 97 -2.09 28.63 2.55
N GLY B 98 -3.08 29.48 2.25
CA GLY B 98 -3.61 29.58 0.89
C GLY B 98 -4.24 28.29 0.41
N ASN B 99 -4.70 27.47 1.35
CA ASN B 99 -5.24 26.15 1.06
C ASN B 99 -4.39 25.39 0.06
N ASN B 100 -3.06 25.53 0.19
CA ASN B 100 -2.15 24.94 -0.77
C ASN B 100 -0.88 24.36 -0.16
N GLU B 101 -0.99 23.89 1.08
CA GLU B 101 0.18 23.29 1.74
C GLU B 101 -0.09 21.84 2.12
N HIS B 102 0.30 20.94 1.23
CA HIS B 102 -0.09 19.54 1.32
C HIS B 102 1.08 18.60 1.56
N CYS B 103 2.25 19.19 1.83
CA CYS B 103 3.46 18.43 2.15
C CYS B 103 4.10 19.06 3.38
N GLY B 104 4.96 18.32 4.07
CA GLY B 104 5.51 18.81 5.32
C GLY B 104 7.02 18.73 5.33
N ASN B 105 7.63 19.68 6.03
CA ASN B 105 9.09 19.71 6.19
C ASN B 105 9.50 19.90 7.64
N ILE B 106 10.79 19.70 7.90
CA ILE B 106 11.40 20.12 9.15
C ILE B 106 11.91 21.53 8.88
N LYS B 107 11.41 22.48 9.66
CA LYS B 107 11.72 23.88 9.47
C LYS B 107 12.50 24.45 10.68
N ALA B 108 11.94 24.33 11.87
CA ALA B 108 12.57 24.94 13.05
C ALA B 108 13.46 23.95 13.79
N PRO B 109 14.63 24.41 14.25
CA PRO B 109 15.52 23.56 15.05
C PRO B 109 15.03 23.45 16.49
N SER B 110 14.00 22.63 16.67
CA SER B 110 13.32 22.46 17.94
C SER B 110 12.53 21.16 17.85
N LEU B 111 12.16 20.57 18.97
CA LEU B 111 11.24 19.44 18.92
C LEU B 111 9.97 19.85 18.15
N GLN B 112 9.55 21.10 18.33
CA GLN B 112 8.46 21.64 17.55
CA GLN B 112 8.45 21.61 17.54
C GLN B 112 9.03 22.18 16.25
N ALA B 113 9.12 21.30 15.24
CA ALA B 113 9.89 21.61 14.05
C ALA B 113 9.13 21.66 12.73
N TRP B 114 8.00 20.96 12.65
CA TRP B 114 7.40 20.76 11.33
C TRP B 114 6.55 21.93 10.86
N ASN B 115 6.57 22.12 9.54
CA ASN B 115 5.68 23.07 8.88
C ASN B 115 5.06 22.42 7.65
N ASP B 116 3.80 22.72 7.38
CA ASP B 116 3.24 22.36 6.08
C ASP B 116 3.54 23.47 5.05
N ALA B 117 3.93 23.05 3.85
CA ALA B 117 4.33 23.99 2.80
C ALA B 117 3.88 23.47 1.43
N PRO B 118 3.83 24.35 0.44
CA PRO B 118 3.41 23.93 -0.89
C PRO B 118 4.35 22.89 -1.46
N CYS B 119 3.80 21.79 -1.99
CA CYS B 119 4.60 20.66 -2.42
C CYS B 119 5.55 20.98 -3.56
N ASP B 120 5.24 22.05 -4.31
CA ASP B 120 6.06 22.45 -5.44
C ASP B 120 7.22 23.38 -5.03
N LYS B 121 7.36 23.66 -3.74
CA LYS B 121 8.53 24.39 -3.25
C LYS B 121 9.77 23.49 -3.25
N THR B 122 10.93 24.07 -3.53
CA THR B 122 12.17 23.30 -3.55
C THR B 122 12.94 23.49 -2.25
N PHE B 123 13.20 22.38 -1.57
CA PHE B 123 13.99 22.37 -0.35
C PHE B 123 14.92 21.17 -0.40
N LEU B 124 15.98 21.20 0.41
CA LEU B 124 16.71 19.98 0.70
C LEU B 124 15.73 18.96 1.26
N PHE B 125 16.14 17.71 1.35
CA PHE B 125 15.20 16.67 1.75
C PHE B 125 15.95 15.58 2.50
N ILE B 126 15.22 14.79 3.28
CA ILE B 126 15.83 13.72 4.05
C ILE B 126 15.20 12.36 3.69
N CYS B 127 16.00 11.40 3.22
CA CYS B 127 15.53 10.02 2.98
C CYS B 127 15.83 9.12 4.16
N LYS B 128 15.06 8.05 4.30
CA LYS B 128 15.22 7.11 5.41
C LYS B 128 15.04 5.70 4.85
N ARG B 129 15.89 4.78 5.29
CA ARG B 129 15.69 3.39 4.96
C ARG B 129 16.18 2.51 6.07
N PRO B 130 15.38 1.51 6.45
CA PRO B 130 15.81 0.62 7.53
C PRO B 130 16.96 -0.23 7.05
N TYR B 131 17.84 -0.58 7.98
CA TYR B 131 18.84 -1.59 7.72
C TYR B 131 18.13 -2.91 7.51
N VAL B 132 18.41 -3.54 6.37
CA VAL B 132 17.90 -4.87 6.05
C VAL B 132 19.09 -5.78 5.71
N PRO B 133 19.36 -6.77 6.57
CA PRO B 133 20.49 -7.67 6.36
C PRO B 133 20.41 -8.37 5.01
N SER C 4 -18.19 0.59 21.80
CA SER C 4 -17.80 -0.81 21.97
C SER C 4 -16.70 -0.94 23.01
N GLN C 5 -16.96 -1.74 24.02
CA GLN C 5 -15.99 -1.94 25.07
C GLN C 5 -14.87 -2.83 24.56
N GLY C 6 -13.80 -2.89 25.33
CA GLY C 6 -12.70 -3.79 25.07
C GLY C 6 -11.48 -3.11 24.48
N TRP C 7 -11.59 -1.81 24.22
CA TRP C 7 -10.46 -1.09 23.63
C TRP C 7 -9.67 -0.33 24.68
N LYS C 8 -8.41 -0.71 24.83
CA LYS C 8 -7.53 -0.14 25.85
C LYS C 8 -6.58 0.89 25.23
N TYR C 9 -6.43 2.02 25.89
CA TYR C 9 -5.68 3.13 25.30
C TYR C 9 -4.20 3.21 25.71
N PHE C 10 -3.33 3.45 24.72
CA PHE C 10 -1.90 3.63 24.97
C PHE C 10 -1.27 4.47 23.87
N LYS C 11 -0.76 5.64 24.24
CA LYS C 11 0.05 6.48 23.34
C LYS C 11 -0.52 6.65 21.92
N GLY C 12 -1.75 7.11 21.83
CA GLY C 12 -2.32 7.50 20.55
C GLY C 12 -3.08 6.40 19.82
N ASN C 13 -3.06 5.18 20.37
CA ASN C 13 -3.76 4.05 19.77
C ASN C 13 -4.64 3.32 20.77
N PHE C 14 -5.68 2.69 20.25
CA PHE C 14 -6.52 1.79 21.05
C PHE C 14 -6.18 0.35 20.70
N TYR C 15 -6.20 -0.54 21.70
CA TYR C 15 -5.81 -1.93 21.49
C TYR C 15 -6.91 -2.84 21.98
N TYR C 16 -7.23 -3.84 21.17
CA TYR C 16 -8.29 -4.78 21.48
C TYR C 16 -7.68 -6.15 21.70
N PHE C 17 -7.79 -6.66 22.92
CA PHE C 17 -7.29 -8.00 23.25
C PHE C 17 -8.49 -8.95 23.13
N SER C 18 -8.49 -9.82 22.12
CA SER C 18 -9.71 -10.55 21.77
C SER C 18 -10.13 -11.57 22.84
N LEU C 19 -11.42 -11.91 22.82
CA LEU C 19 -11.99 -12.92 23.70
C LEU C 19 -12.08 -14.27 22.98
N ILE C 20 -12.14 -14.23 21.64
CA ILE C 20 -12.30 -15.41 20.81
C ILE C 20 -11.03 -15.64 20.00
N PRO C 21 -10.50 -16.87 19.99
CA PRO C 21 -9.27 -17.15 19.23
C PRO C 21 -9.53 -17.42 17.74
N LYS C 22 -8.59 -17.00 16.89
CA LYS C 22 -8.71 -17.13 15.44
C LYS C 22 -7.35 -17.44 14.84
N THR C 23 -7.34 -17.91 13.59
CA THR C 23 -6.08 -18.03 12.86
C THR C 23 -5.54 -16.62 12.67
N TRP C 24 -4.28 -16.49 12.28
CA TRP C 24 -3.68 -15.16 12.09
C TRP C 24 -4.50 -14.33 11.11
N TYR C 25 -4.82 -14.89 9.96
CA TYR C 25 -5.52 -14.10 8.95
C TYR C 25 -6.98 -13.82 9.31
N SER C 26 -7.66 -14.77 9.94
CA SER C 26 -9.03 -14.51 10.34
C SER C 26 -9.03 -13.46 11.45
N ALA C 27 -8.00 -13.47 12.29
CA ALA C 27 -7.80 -12.41 13.28
C ALA C 27 -7.66 -11.05 12.60
N GLU C 28 -6.74 -10.96 11.63
CA GLU C 28 -6.60 -9.74 10.85
C GLU C 28 -7.94 -9.29 10.24
N GLN C 29 -8.68 -10.22 9.66
CA GLN C 29 -9.98 -9.89 9.07
C GLN C 29 -10.94 -9.31 10.10
N PHE C 30 -10.93 -9.86 11.31
CA PHE C 30 -11.72 -9.30 12.39
C PHE C 30 -11.26 -7.87 12.72
N CYS C 31 -9.94 -7.68 12.86
CA CYS C 31 -9.42 -6.33 13.06
C CYS C 31 -9.89 -5.37 11.96
N VAL C 32 -9.80 -5.82 10.71
CA VAL C 32 -10.22 -4.98 9.60
C VAL C 32 -11.71 -4.59 9.72
N SER C 33 -12.54 -5.54 10.15
CA SER C 33 -13.97 -5.27 10.33
C SER C 33 -14.21 -4.23 11.43
N ARG C 34 -13.21 -4.04 12.28
CA ARG C 34 -13.31 -3.04 13.35
C ARG C 34 -12.40 -1.84 13.08
N ASN C 35 -12.14 -1.56 11.82
CA ASN C 35 -11.33 -0.42 11.42
C ASN C 35 -9.95 -0.43 12.06
N SER C 36 -9.32 -1.60 12.08
CA SER C 36 -8.03 -1.75 12.75
C SER C 36 -7.19 -2.78 12.03
N HIS C 37 -6.03 -3.08 12.58
CA HIS C 37 -5.14 -4.12 12.07
C HIS C 37 -4.53 -4.84 13.25
N LEU C 38 -4.05 -6.06 13.03
CA LEU C 38 -3.27 -6.71 14.05
C LEU C 38 -2.13 -5.78 14.42
N THR C 39 -1.83 -5.70 15.71
CA THR C 39 -0.91 -4.69 16.20
C THR C 39 0.53 -4.82 15.72
N SER C 40 1.12 -3.69 15.35
CA SER C 40 2.56 -3.61 15.22
C SER C 40 3.17 -3.29 16.59
N VAL C 41 4.49 -3.42 16.71
CA VAL C 41 5.19 -3.10 17.95
C VAL C 41 6.45 -2.33 17.56
N THR C 42 6.55 -1.10 18.01
CA THR C 42 7.56 -0.18 17.48
C THR C 42 8.32 0.57 18.56
N SER C 43 8.15 0.15 19.81
CA SER C 43 8.94 0.70 20.90
C SER C 43 8.94 -0.23 22.10
N GLU C 44 9.96 -0.07 22.94
CA GLU C 44 10.02 -0.83 24.16
C GLU C 44 8.76 -0.62 25.00
N SER C 45 8.30 0.62 25.12
CA SER C 45 7.13 0.91 25.93
C SER C 45 5.88 0.24 25.39
N GLU C 46 5.73 0.20 24.07
CA GLU C 46 4.59 -0.50 23.47
C GLU C 46 4.66 -2.00 23.74
N GLN C 47 5.83 -2.60 23.56
CA GLN C 47 6.00 -4.03 23.83
C GLN C 47 5.66 -4.32 25.28
N GLU C 48 6.10 -3.46 26.18
CA GLU C 48 5.83 -3.62 27.62
C GLU C 48 4.33 -3.56 27.92
N PHE C 49 3.66 -2.58 27.34
CA PHE C 49 2.21 -2.45 27.47
C PHE C 49 1.51 -3.72 26.97
N LEU C 50 1.94 -4.22 25.82
CA LEU C 50 1.27 -5.38 25.24
C LEU C 50 1.49 -6.65 26.06
N TYR C 51 2.72 -6.93 26.46
CA TYR C 51 2.98 -8.21 27.12
C TYR C 51 2.44 -8.21 28.55
N LYS C 52 2.51 -7.06 29.20
CA LYS C 52 1.90 -6.95 30.52
C LYS C 52 0.38 -7.11 30.45
N THR C 53 -0.27 -6.51 29.45
CA THR C 53 -1.72 -6.63 29.36
C THR C 53 -2.12 -8.06 28.96
N ALA C 54 -1.27 -8.72 28.18
CA ALA C 54 -1.56 -10.08 27.72
C ALA C 54 -1.64 -11.05 28.89
N GLY C 55 -0.82 -10.83 29.90
CA GLY C 55 -0.86 -11.63 31.11
C GLY C 55 -0.54 -13.09 30.86
N GLY C 56 0.56 -13.33 30.14
CA GLY C 56 1.07 -14.67 29.96
C GLY C 56 0.37 -15.52 28.92
N LEU C 57 -0.78 -15.05 28.44
CA LEU C 57 -1.52 -15.74 27.39
C LEU C 57 -1.03 -15.35 26.00
N ILE C 58 -1.26 -16.23 25.03
CA ILE C 58 -0.75 -16.06 23.67
C ILE C 58 -1.70 -15.28 22.76
N TYR C 59 -1.17 -14.20 22.16
CA TYR C 59 -1.95 -13.36 21.26
C TYR C 59 -1.20 -13.18 19.96
N TRP C 60 -1.87 -13.45 18.83
CA TRP C 60 -1.35 -13.05 17.54
C TRP C 60 -1.13 -11.54 17.52
N ILE C 61 0.00 -11.11 16.96
CA ILE C 61 0.23 -9.71 16.62
C ILE C 61 0.41 -9.60 15.10
N GLY C 62 0.65 -8.40 14.58
CA GLY C 62 0.67 -8.20 13.15
C GLY C 62 1.95 -8.59 12.44
N LEU C 63 2.72 -9.48 13.06
CA LEU C 63 4.02 -9.94 12.55
C LEU C 63 3.85 -11.06 11.55
N THR C 64 4.39 -10.90 10.35
CA THR C 64 4.23 -11.97 9.36
C THR C 64 5.33 -11.86 8.32
N LYS C 65 5.67 -13.00 7.71
CA LYS C 65 6.69 -12.98 6.67
C LYS C 65 6.12 -12.42 5.37
N ALA C 66 6.96 -11.68 4.65
CA ALA C 66 6.62 -11.13 3.34
C ALA C 66 7.89 -10.96 2.49
N GLY C 67 7.75 -11.12 1.18
CA GLY C 67 8.88 -11.01 0.27
C GLY C 67 9.52 -12.36 -0.04
N MET C 68 10.43 -12.38 -1.01
CA MET C 68 11.08 -13.62 -1.43
C MET C 68 12.13 -14.10 -0.42
N GLU C 69 12.62 -13.19 0.40
CA GLU C 69 13.61 -13.53 1.42
C GLU C 69 12.94 -14.03 2.71
N GLY C 70 11.63 -13.92 2.76
CA GLY C 70 10.88 -14.30 3.94
C GLY C 70 11.17 -13.38 5.12
N ASP C 71 11.46 -12.11 4.83
CA ASP C 71 11.68 -11.14 5.89
C ASP C 71 10.39 -10.87 6.67
N TRP C 72 10.54 -10.67 7.97
CA TRP C 72 9.40 -10.30 8.80
C TRP C 72 8.92 -8.89 8.42
N SER C 73 7.62 -8.68 8.59
CA SER C 73 6.96 -7.45 8.20
C SER C 73 5.77 -7.24 9.14
N TRP C 74 5.18 -6.04 9.07
CA TRP C 74 3.97 -5.71 9.83
C TRP C 74 2.79 -5.60 8.88
N VAL C 75 1.66 -6.20 9.23
CA VAL C 75 0.49 -6.15 8.36
C VAL C 75 -0.07 -4.72 8.23
N ASP C 76 0.15 -3.87 9.23
CA ASP C 76 -0.31 -2.49 9.15
C ASP C 76 0.60 -1.58 8.30
N ASP C 77 1.62 -2.20 7.68
CA ASP C 77 2.55 -1.53 6.77
C ASP C 77 3.62 -0.65 7.39
N THR C 78 3.70 -0.65 8.71
CA THR C 78 4.89 -0.09 9.36
C THR C 78 6.12 -0.78 8.81
N PRO C 79 7.10 -0.01 8.32
CA PRO C 79 8.34 -0.65 7.86
C PRO C 79 9.01 -1.40 9.01
N PHE C 80 9.48 -2.62 8.74
CA PHE C 80 10.03 -3.46 9.79
C PHE C 80 11.46 -3.06 10.11
N ASN C 81 11.71 -2.79 11.39
CA ASN C 81 13.03 -2.42 11.86
C ASN C 81 13.63 -3.63 12.55
N LYS C 82 14.44 -4.40 11.82
CA LYS C 82 14.99 -5.62 12.39
C LYS C 82 15.90 -5.32 13.57
N VAL C 83 16.66 -4.25 13.45
CA VAL C 83 17.60 -3.86 14.49
C VAL C 83 16.88 -3.69 15.82
N GLN C 84 15.83 -2.87 15.81
CA GLN C 84 15.08 -2.58 17.03
C GLN C 84 14.12 -3.68 17.45
N SER C 85 13.85 -4.64 16.56
CA SER C 85 12.92 -5.71 16.88
C SER C 85 13.61 -6.94 17.50
N ALA C 86 14.93 -7.00 17.36
CA ALA C 86 15.68 -8.18 17.80
C ALA C 86 15.42 -8.47 19.28
N ARG C 87 15.33 -7.40 20.07
CA ARG C 87 15.11 -7.48 21.51
C ARG C 87 13.76 -8.09 21.92
N PHE C 88 12.84 -8.26 20.99
CA PHE C 88 11.48 -8.64 21.35
C PHE C 88 11.15 -10.12 21.16
N TRP C 89 12.06 -10.87 20.52
CA TRP C 89 11.87 -12.31 20.32
C TRP C 89 12.23 -13.08 21.58
N ILE C 90 11.45 -14.11 21.87
CA ILE C 90 11.85 -15.12 22.85
C ILE C 90 13.21 -15.66 22.44
N PRO C 91 14.07 -15.95 23.42
CA PRO C 91 15.37 -16.55 23.10
C PRO C 91 15.21 -17.80 22.24
N GLY C 92 15.94 -17.87 21.13
CA GLY C 92 15.86 -19.04 20.27
C GLY C 92 14.84 -18.88 19.15
N GLU C 93 14.02 -17.84 19.23
CA GLU C 93 13.03 -17.55 18.19
C GLU C 93 13.52 -16.38 17.33
N PRO C 94 13.06 -16.29 16.07
CA PRO C 94 12.16 -17.26 15.44
C PRO C 94 12.95 -18.48 15.00
N ASN C 95 12.37 -19.67 15.18
CA ASN C 95 13.08 -20.90 14.86
C ASN C 95 12.48 -21.64 13.66
N ASN C 96 11.42 -21.08 13.09
CA ASN C 96 10.76 -21.69 11.94
C ASN C 96 10.56 -23.20 12.10
N ALA C 97 9.93 -23.61 13.19
CA ALA C 97 9.65 -25.01 13.45
C ALA C 97 8.91 -25.66 12.29
N GLY C 98 9.42 -26.79 11.80
CA GLY C 98 8.79 -27.53 10.72
C GLY C 98 8.72 -26.75 9.42
N ASN C 99 9.57 -25.74 9.29
CA ASN C 99 9.59 -24.86 8.12
C ASN C 99 8.22 -24.25 7.81
N ASN C 100 7.40 -24.07 8.85
CA ASN C 100 6.01 -23.70 8.64
C ASN C 100 5.52 -22.57 9.55
N GLU C 101 6.44 -21.79 10.10
CA GLU C 101 6.05 -20.75 11.08
C GLU C 101 6.28 -19.35 10.52
N HIS C 102 5.25 -18.82 9.87
CA HIS C 102 5.39 -17.60 9.08
C HIS C 102 4.59 -16.44 9.64
N CYS C 103 4.06 -16.61 10.86
CA CYS C 103 3.35 -15.53 11.55
C CYS C 103 3.89 -15.40 12.98
N GLY C 104 3.67 -14.26 13.62
CA GLY C 104 4.23 -14.04 14.94
C GLY C 104 3.19 -13.73 16.00
N ASN C 105 3.44 -14.22 17.21
CA ASN C 105 2.58 -13.91 18.36
C ASN C 105 3.39 -13.44 19.58
N ILE C 106 2.69 -12.82 20.54
CA ILE C 106 3.23 -12.56 21.86
C ILE C 106 2.90 -13.77 22.73
N LYS C 107 3.95 -14.38 23.29
CA LYS C 107 3.78 -15.67 23.95
C LYS C 107 4.32 -15.67 25.39
N ALA C 108 5.46 -15.04 25.61
CA ALA C 108 6.05 -15.05 26.96
C ALA C 108 5.84 -13.73 27.68
N PRO C 109 5.65 -13.78 29.02
CA PRO C 109 5.43 -12.63 29.89
C PRO C 109 6.71 -11.85 30.15
N SER C 110 7.33 -11.37 29.08
CA SER C 110 8.62 -10.71 29.15
C SER C 110 8.82 -9.80 27.95
N LEU C 111 9.78 -8.89 28.03
CA LEU C 111 10.11 -8.04 26.88
C LEU C 111 10.52 -8.92 25.71
N GLN C 112 11.16 -10.03 26.00
CA GLN C 112 11.44 -11.05 25.00
C GLN C 112 10.23 -11.96 24.94
N ALA C 113 9.28 -11.63 24.07
CA ALA C 113 7.97 -12.29 24.12
C ALA C 113 7.56 -13.00 22.84
N TRP C 114 8.14 -12.61 21.70
CA TRP C 114 7.58 -13.08 20.43
C TRP C 114 8.00 -14.50 20.09
N ASN C 115 7.06 -15.22 19.47
CA ASN C 115 7.36 -16.52 18.90
C ASN C 115 6.82 -16.57 17.47
N ASP C 116 7.53 -17.25 16.58
CA ASP C 116 6.93 -17.57 15.29
C ASP C 116 6.15 -18.87 15.40
N ALA C 117 4.98 -18.90 14.77
CA ALA C 117 4.10 -20.06 14.83
C ALA C 117 3.38 -20.16 13.49
N PRO C 118 2.81 -21.33 13.18
CA PRO C 118 2.08 -21.50 11.92
C PRO C 118 0.85 -20.58 11.84
N CYS C 119 0.73 -19.88 10.71
CA CYS C 119 -0.34 -18.91 10.55
C CYS C 119 -1.73 -19.53 10.73
N ASP C 120 -1.86 -20.83 10.46
CA ASP C 120 -3.17 -21.46 10.51
C ASP C 120 -3.54 -21.98 11.89
N LYS C 121 -2.70 -21.70 12.89
CA LYS C 121 -3.01 -22.04 14.28
C LYS C 121 -3.94 -20.98 14.88
N THR C 122 -4.79 -21.39 15.83
CA THR C 122 -5.76 -20.46 16.41
CA THR C 122 -5.79 -20.51 16.43
C THR C 122 -5.31 -19.96 17.79
N PHE C 123 -5.34 -18.64 17.94
CA PHE C 123 -4.97 -17.98 19.20
C PHE C 123 -5.82 -16.72 19.34
N LEU C 124 -5.89 -16.19 20.55
CA LEU C 124 -6.44 -14.86 20.73
C LEU C 124 -5.55 -13.91 19.95
N PHE C 125 -5.97 -12.66 19.78
CA PHE C 125 -5.22 -11.73 18.93
C PHE C 125 -5.38 -10.31 19.44
N ILE C 126 -4.51 -9.41 19.00
CA ILE C 126 -4.57 -8.02 19.45
C ILE C 126 -4.67 -7.07 18.25
N CYS C 127 -5.76 -6.32 18.18
CA CYS C 127 -5.92 -5.27 17.17
C CYS C 127 -5.42 -3.93 17.70
N LYS C 128 -4.95 -3.10 16.77
CA LYS C 128 -4.50 -1.74 17.09
C LYS C 128 -5.19 -0.78 16.14
N ARG C 129 -5.71 0.31 16.70
CA ARG C 129 -6.51 1.28 15.97
CA ARG C 129 -6.45 1.29 15.93
C ARG C 129 -6.09 2.68 16.41
N PRO C 130 -5.72 3.57 15.47
CA PRO C 130 -5.32 4.89 15.94
C PRO C 130 -6.51 5.70 16.43
N TYR C 131 -6.26 6.56 17.42
CA TYR C 131 -7.25 7.54 17.79
C TYR C 131 -7.09 8.71 16.84
N VAL C 132 -8.20 9.13 16.25
CA VAL C 132 -8.15 10.31 15.39
C VAL C 132 -8.96 11.48 15.99
N PRO C 133 -8.24 12.46 16.58
CA PRO C 133 -8.87 13.61 17.25
C PRO C 133 -9.69 14.46 16.30
N GLN D 5 -18.56 18.87 -8.75
CA GLN D 5 -19.24 18.36 -9.94
C GLN D 5 -18.37 18.41 -11.18
N GLY D 6 -18.91 17.93 -12.30
CA GLY D 6 -18.17 17.86 -13.54
C GLY D 6 -17.55 16.50 -13.79
N TRP D 7 -17.94 15.51 -12.98
CA TRP D 7 -17.43 14.16 -13.15
C TRP D 7 -18.14 13.43 -14.28
N LYS D 8 -17.38 12.70 -15.08
CA LYS D 8 -17.96 11.92 -16.17
C LYS D 8 -17.88 10.42 -15.88
N TYR D 9 -18.96 9.70 -16.14
CA TYR D 9 -19.05 8.28 -15.84
C TYR D 9 -18.61 7.40 -17.02
N PHE D 10 -17.82 6.37 -16.71
CA PHE D 10 -17.46 5.36 -17.70
C PHE D 10 -17.10 4.05 -17.00
N LYS D 11 -17.85 3.00 -17.33
CA LYS D 11 -17.61 1.65 -16.80
C LYS D 11 -17.26 1.56 -15.33
N GLY D 12 -18.13 2.10 -14.47
CA GLY D 12 -17.96 1.92 -13.04
C GLY D 12 -16.99 2.86 -12.36
N ASN D 13 -16.52 3.87 -13.09
CA ASN D 13 -15.68 4.91 -12.51
C ASN D 13 -16.13 6.30 -12.93
N PHE D 14 -15.84 7.29 -12.09
CA PHE D 14 -16.05 8.69 -12.43
C PHE D 14 -14.71 9.33 -12.75
N TYR D 15 -14.71 10.25 -13.71
CA TYR D 15 -13.47 10.88 -14.17
C TYR D 15 -13.61 12.39 -14.16
N TYR D 16 -12.58 13.07 -13.68
CA TYR D 16 -12.59 14.53 -13.63
C TYR D 16 -11.49 15.05 -14.55
N PHE D 17 -11.90 15.76 -15.58
CA PHE D 17 -10.94 16.37 -16.49
C PHE D 17 -10.76 17.83 -16.10
N SER D 18 -9.59 18.18 -15.57
CA SER D 18 -9.41 19.51 -14.98
C SER D 18 -9.39 20.63 -16.03
N LEU D 19 -9.73 21.83 -15.57
CA LEU D 19 -9.63 23.04 -16.38
C LEU D 19 -8.39 23.86 -16.01
N ILE D 20 -7.77 23.51 -14.88
CA ILE D 20 -6.58 24.20 -14.39
CA ILE D 20 -6.57 24.21 -14.45
C ILE D 20 -5.37 23.27 -14.48
N PRO D 21 -4.20 23.81 -14.88
CA PRO D 21 -3.00 22.98 -14.94
C PRO D 21 -2.26 22.93 -13.61
N LYS D 22 -1.65 21.80 -13.31
CA LYS D 22 -0.86 21.62 -12.10
C LYS D 22 0.34 20.72 -12.38
N THR D 23 1.31 20.72 -11.48
CA THR D 23 2.37 19.74 -11.59
C THR D 23 1.76 18.37 -11.32
N TRP D 24 2.48 17.31 -11.65
CA TRP D 24 1.94 15.97 -11.44
C TRP D 24 1.52 15.73 -9.99
N TYR D 25 2.38 16.04 -9.03
CA TYR D 25 2.03 15.74 -7.64
C TYR D 25 0.95 16.66 -7.08
N SER D 26 0.96 17.93 -7.49
CA SER D 26 -0.10 18.83 -7.06
C SER D 26 -1.43 18.39 -7.68
N ALA D 27 -1.36 17.82 -8.88
CA ALA D 27 -2.57 17.25 -9.50
C ALA D 27 -3.05 16.06 -8.66
N GLU D 28 -2.13 15.18 -8.29
CA GLU D 28 -2.49 14.04 -7.46
C GLU D 28 -3.12 14.52 -6.16
N GLN D 29 -2.52 15.54 -5.54
CA GLN D 29 -3.06 16.07 -4.29
C GLN D 29 -4.47 16.63 -4.48
N PHE D 30 -4.71 17.26 -5.62
CA PHE D 30 -6.07 17.74 -5.93
C PHE D 30 -7.00 16.53 -6.02
N CYS D 31 -6.57 15.50 -6.73
CA CYS D 31 -7.40 14.30 -6.81
C CYS D 31 -7.67 13.70 -5.43
N VAL D 32 -6.62 13.62 -4.60
CA VAL D 32 -6.78 13.08 -3.25
C VAL D 32 -7.81 13.88 -2.45
N SER D 33 -7.81 15.20 -2.61
CA SER D 33 -8.76 16.04 -1.89
C SER D 33 -10.20 15.76 -2.30
N ARG D 34 -10.37 15.25 -3.52
CA ARG D 34 -11.69 14.86 -4.03
C ARG D 34 -11.91 13.35 -4.00
N ASN D 35 -11.24 12.67 -3.08
CA ASN D 35 -11.45 11.24 -2.88
C ASN D 35 -11.15 10.41 -4.14
N SER D 36 -10.08 10.76 -4.82
CA SER D 36 -9.73 10.10 -6.08
C SER D 36 -8.23 10.06 -6.25
N HIS D 37 -7.77 9.55 -7.38
CA HIS D 37 -6.36 9.51 -7.75
C HIS D 37 -6.25 9.91 -9.20
N LEU D 38 -5.08 10.40 -9.62
CA LEU D 38 -4.82 10.52 -11.05
C LEU D 38 -5.12 9.17 -11.72
N THR D 39 -5.74 9.19 -12.89
CA THR D 39 -6.31 7.97 -13.46
C THR D 39 -5.27 6.93 -13.87
N SER D 40 -5.57 5.68 -13.57
CA SER D 40 -4.88 4.57 -14.22
C SER D 40 -5.58 4.26 -15.55
N VAL D 41 -4.95 3.43 -16.36
CA VAL D 41 -5.48 3.05 -17.67
C VAL D 41 -5.16 1.58 -17.85
N THR D 42 -6.19 0.73 -17.88
CA THR D 42 -5.94 -0.69 -17.89
C THR D 42 -6.73 -1.47 -18.93
N SER D 43 -7.28 -0.76 -19.91
CA SER D 43 -7.92 -1.42 -21.03
C SER D 43 -7.95 -0.50 -22.23
N GLU D 44 -8.09 -1.09 -23.40
CA GLU D 44 -8.20 -0.30 -24.61
C GLU D 44 -9.42 0.63 -24.54
N SER D 45 -10.55 0.12 -24.04
CA SER D 45 -11.75 0.94 -24.01
C SER D 45 -11.57 2.15 -23.09
N GLU D 46 -10.86 1.95 -21.98
CA GLU D 46 -10.59 3.07 -21.08
C GLU D 46 -9.64 4.07 -21.73
N GLN D 47 -8.60 3.59 -22.38
CA GLN D 47 -7.67 4.47 -23.08
C GLN D 47 -8.43 5.29 -24.12
N GLU D 48 -9.32 4.64 -24.84
CA GLU D 48 -10.11 5.33 -25.87
C GLU D 48 -11.04 6.37 -25.27
N PHE D 49 -11.73 6.02 -24.17
CA PHE D 49 -12.56 6.99 -23.50
C PHE D 49 -11.75 8.22 -23.11
N LEU D 50 -10.56 7.96 -22.58
CA LEU D 50 -9.77 9.04 -22.04
C LEU D 50 -9.21 9.94 -23.16
N TYR D 51 -8.61 9.34 -24.18
CA TYR D 51 -8.02 10.19 -25.23
C TYR D 51 -9.10 10.92 -26.02
N LYS D 52 -10.23 10.27 -26.27
CA LYS D 52 -11.31 10.95 -26.98
C LYS D 52 -11.87 12.09 -26.17
N THR D 53 -12.06 11.88 -24.88
CA THR D 53 -12.57 12.96 -24.04
C THR D 53 -11.55 14.09 -23.91
N ALA D 54 -10.27 13.74 -23.84
CA ALA D 54 -9.19 14.71 -23.73
C ALA D 54 -9.18 15.65 -24.94
N GLY D 55 -9.66 15.17 -26.07
CA GLY D 55 -9.85 16.04 -27.23
C GLY D 55 -8.59 16.72 -27.72
N GLY D 56 -7.46 16.01 -27.65
CA GLY D 56 -6.21 16.52 -28.19
C GLY D 56 -5.40 17.44 -27.30
N LEU D 57 -5.89 17.69 -26.09
CA LEU D 57 -5.12 18.42 -25.09
C LEU D 57 -4.37 17.46 -24.18
N ILE D 58 -3.32 17.97 -23.55
CA ILE D 58 -2.43 17.13 -22.77
C ILE D 58 -2.86 17.08 -21.30
N TYR D 59 -3.06 15.87 -20.78
CA TYR D 59 -3.50 15.72 -19.39
C TYR D 59 -2.58 14.76 -18.63
N TRP D 60 -2.15 15.16 -17.44
CA TRP D 60 -1.46 14.20 -16.59
C TRP D 60 -2.36 13.03 -16.28
N ILE D 61 -1.79 11.83 -16.26
CA ILE D 61 -2.51 10.67 -15.71
C ILE D 61 -1.65 10.07 -14.61
N GLY D 62 -2.10 8.97 -14.03
CA GLY D 62 -1.49 8.46 -12.82
C GLY D 62 -0.20 7.70 -13.03
N LEU D 63 0.42 7.90 -14.19
CA LEU D 63 1.63 7.17 -14.58
C LEU D 63 2.85 7.82 -13.97
N THR D 64 3.65 7.05 -13.23
CA THR D 64 4.85 7.64 -12.62
C THR D 64 5.88 6.55 -12.36
N LYS D 65 7.17 6.92 -12.36
CA LYS D 65 8.18 5.92 -12.04
C LYS D 65 8.25 5.68 -10.53
N ALA D 66 8.47 4.42 -10.15
N ALA D 66 8.43 4.42 -10.14
CA ALA D 66 8.68 4.04 -8.75
CA ALA D 66 8.72 4.12 -8.75
C ALA D 66 9.55 2.78 -8.63
C ALA D 66 10.17 4.51 -8.49
N GLY D 67 10.01 2.48 -7.41
N GLY D 67 10.42 5.82 -8.55
CA GLY D 67 10.88 1.34 -7.19
CA GLY D 67 11.76 6.37 -8.38
C GLY D 67 12.31 1.64 -7.62
C GLY D 67 12.36 6.73 -9.72
N MET D 68 13.25 0.88 -7.08
N MET D 68 13.30 7.68 -9.70
CA MET D 68 14.67 1.12 -7.34
CA MET D 68 13.99 8.10 -10.92
C MET D 68 15.03 1.16 -8.82
C MET D 68 14.39 6.89 -11.77
N GLU D 69 14.36 0.34 -9.62
N GLU D 69 14.07 6.96 -13.05
CA GLU D 69 14.67 0.22 -11.03
CA GLU D 69 14.24 5.85 -13.97
C GLU D 69 13.97 1.27 -11.88
C GLU D 69 14.12 4.46 -13.31
N GLY D 70 13.12 2.08 -11.24
N GLY D 70 13.00 4.24 -12.64
CA GLY D 70 12.39 3.13 -11.92
CA GLY D 70 12.66 2.92 -12.15
C GLY D 70 11.36 2.59 -12.91
C GLY D 70 11.68 2.29 -13.13
N ASP D 71 10.81 1.43 -12.61
CA ASP D 71 9.76 0.85 -13.44
C ASP D 71 8.54 1.76 -13.36
N TRP D 72 7.81 1.86 -14.46
CA TRP D 72 6.57 2.64 -14.44
C TRP D 72 5.57 2.00 -13.50
N SER D 73 4.72 2.84 -12.89
CA SER D 73 3.74 2.39 -11.91
C SER D 73 2.51 3.27 -12.00
N TRP D 74 1.43 2.85 -11.35
CA TRP D 74 0.22 3.65 -11.22
C TRP D 74 0.08 4.17 -9.79
N VAL D 75 -0.23 5.45 -9.66
CA VAL D 75 -0.32 6.06 -8.33
C VAL D 75 -1.48 5.48 -7.51
N ASP D 76 -2.50 4.97 -8.19
CA ASP D 76 -3.63 4.33 -7.47
C ASP D 76 -3.34 2.89 -7.06
N ASP D 77 -2.10 2.46 -7.31
CA ASP D 77 -1.56 1.16 -6.93
C ASP D 77 -2.01 -0.02 -7.77
N THR D 78 -2.72 0.28 -8.86
CA THR D 78 -2.96 -0.75 -9.86
C THR D 78 -1.62 -1.29 -10.30
N PRO D 79 -1.44 -2.60 -10.29
CA PRO D 79 -0.18 -3.16 -10.81
C PRO D 79 0.04 -2.73 -12.26
N PHE D 80 1.26 -2.29 -12.59
CA PHE D 80 1.53 -1.83 -13.95
C PHE D 80 1.88 -2.99 -14.86
N ASN D 81 1.12 -3.13 -15.94
CA ASN D 81 1.32 -4.23 -16.87
C ASN D 81 2.15 -3.72 -18.05
N LYS D 82 3.46 -3.98 -18.01
CA LYS D 82 4.36 -3.36 -18.99
C LYS D 82 4.06 -3.88 -20.38
N VAL D 83 3.75 -5.17 -20.47
CA VAL D 83 3.52 -5.79 -21.76
C VAL D 83 2.30 -5.17 -22.44
N GLN D 84 1.19 -5.15 -21.73
CA GLN D 84 -0.09 -4.67 -22.28
C GLN D 84 -0.13 -3.17 -22.43
N SER D 85 0.77 -2.47 -21.75
CA SER D 85 0.77 -1.01 -21.82
C SER D 85 1.61 -0.54 -22.98
N ALA D 86 2.40 -1.44 -23.55
CA ALA D 86 3.32 -1.07 -24.63
C ALA D 86 2.58 -0.37 -25.76
N ARG D 87 1.37 -0.86 -26.06
CA ARG D 87 0.57 -0.31 -27.14
C ARG D 87 0.05 1.09 -26.85
N PHE D 88 0.20 1.54 -25.62
CA PHE D 88 -0.44 2.81 -25.23
C PHE D 88 0.50 4.02 -25.28
N TRP D 89 1.80 3.78 -25.44
CA TRP D 89 2.76 4.88 -25.51
C TRP D 89 2.82 5.37 -26.95
N ILE D 90 3.06 6.67 -27.13
CA ILE D 90 3.42 7.19 -28.45
C ILE D 90 4.72 6.52 -28.87
N PRO D 91 4.79 6.04 -30.12
CA PRO D 91 6.04 5.43 -30.61
C PRO D 91 7.24 6.30 -30.25
N GLY D 92 8.25 5.70 -29.62
CA GLY D 92 9.43 6.43 -29.20
C GLY D 92 9.44 6.73 -27.71
N GLU D 93 8.27 6.61 -27.09
CA GLU D 93 8.13 6.90 -25.67
C GLU D 93 7.98 5.60 -24.89
N PRO D 94 8.38 5.60 -23.61
CA PRO D 94 8.96 6.76 -22.90
C PRO D 94 10.44 6.92 -23.25
N ASN D 95 10.89 8.15 -23.40
CA ASN D 95 12.28 8.40 -23.79
C ASN D 95 13.13 9.15 -22.77
N ASN D 96 12.59 9.38 -21.58
CA ASN D 96 13.33 10.04 -20.50
C ASN D 96 14.20 11.21 -20.99
N ALA D 97 13.56 12.19 -21.63
CA ALA D 97 14.28 13.33 -22.17
C ALA D 97 15.03 14.09 -21.08
N GLY D 98 16.29 14.42 -21.34
CA GLY D 98 17.12 15.11 -20.36
C GLY D 98 17.26 14.34 -19.05
N ASN D 99 17.00 13.04 -19.12
CA ASN D 99 16.99 12.17 -17.96
C ASN D 99 16.15 12.69 -16.79
N ASN D 100 15.03 13.34 -17.12
CA ASN D 100 14.24 14.01 -16.11
C ASN D 100 12.74 13.86 -16.35
N GLU D 101 12.33 12.77 -17.01
CA GLU D 101 10.91 12.58 -17.33
C GLU D 101 10.33 11.39 -16.58
N HIS D 102 9.83 11.64 -15.38
CA HIS D 102 9.48 10.54 -14.48
C HIS D 102 7.98 10.42 -14.21
N CYS D 103 7.19 11.19 -14.97
CA CYS D 103 5.73 11.11 -14.87
C CYS D 103 5.15 11.01 -16.26
N GLY D 104 3.91 10.55 -16.38
CA GLY D 104 3.34 10.32 -17.69
C GLY D 104 2.04 11.05 -17.91
N ASN D 105 1.79 11.40 -19.17
CA ASN D 105 0.55 12.08 -19.54
C ASN D 105 -0.07 11.48 -20.79
N ILE D 106 -1.33 11.81 -21.02
CA ILE D 106 -1.98 11.53 -22.29
C ILE D 106 -1.69 12.75 -23.16
N LYS D 107 -1.00 12.52 -24.26
CA LYS D 107 -0.56 13.62 -25.13
C LYS D 107 -1.28 13.58 -26.48
N ALA D 108 -1.24 12.44 -27.15
CA ALA D 108 -1.77 12.36 -28.51
C ALA D 108 -3.16 11.77 -28.50
N PRO D 109 -4.05 12.29 -29.37
CA PRO D 109 -5.39 11.70 -29.53
C PRO D 109 -5.36 10.43 -30.37
N SER D 110 -4.94 9.33 -29.76
CA SER D 110 -4.74 8.05 -30.42
C SER D 110 -4.64 7.00 -29.34
N LEU D 111 -4.82 5.72 -29.69
CA LEU D 111 -4.58 4.67 -28.70
C LEU D 111 -3.12 4.76 -28.24
N GLN D 112 -2.25 5.14 -29.18
CA GLN D 112 -0.87 5.42 -28.83
CA GLN D 112 -0.86 5.42 -28.84
C GLN D 112 -0.78 6.86 -28.39
N ALA D 113 -1.00 7.09 -27.09
CA ALA D 113 -1.21 8.43 -26.57
C ALA D 113 -0.21 8.94 -25.54
N TRP D 114 0.46 8.04 -24.82
CA TRP D 114 1.21 8.49 -23.65
C TRP D 114 2.59 9.04 -23.95
N ASN D 115 2.96 10.05 -23.19
CA ASN D 115 4.32 10.56 -23.20
C ASN D 115 4.85 10.66 -21.77
N ASP D 116 6.14 10.40 -21.58
CA ASP D 116 6.76 10.74 -20.30
C ASP D 116 7.29 12.19 -20.36
N ALA D 117 7.05 12.91 -19.27
CA ALA D 117 7.41 14.33 -19.15
C ALA D 117 7.87 14.64 -17.71
N PRO D 118 8.52 15.80 -17.50
CA PRO D 118 8.99 16.14 -16.15
C PRO D 118 7.85 16.36 -15.16
N CYS D 119 7.92 15.72 -14.01
CA CYS D 119 6.87 15.76 -13.00
C CYS D 119 6.53 17.17 -12.54
N ASP D 120 7.52 18.06 -12.66
CA ASP D 120 7.37 19.41 -12.14
C ASP D 120 6.80 20.37 -13.20
N LYS D 121 6.53 19.82 -14.38
CA LYS D 121 5.88 20.56 -15.46
C LYS D 121 4.37 20.60 -15.21
N THR D 122 3.72 21.69 -15.60
CA THR D 122 2.26 21.80 -15.35
C THR D 122 1.44 21.46 -16.59
N PHE D 123 0.42 20.63 -16.41
CA PHE D 123 -0.54 20.30 -17.45
C PHE D 123 -1.91 20.17 -16.78
N LEU D 124 -2.95 20.14 -17.60
CA LEU D 124 -4.25 19.69 -17.13
C LEU D 124 -4.07 18.26 -16.61
N PHE D 125 -5.07 17.71 -15.93
CA PHE D 125 -4.94 16.39 -15.33
C PHE D 125 -6.30 15.69 -15.24
N ILE D 126 -6.28 14.36 -15.11
CA ILE D 126 -7.51 13.57 -15.03
C ILE D 126 -7.54 12.73 -13.76
N CYS D 127 -8.56 12.92 -12.93
CA CYS D 127 -8.77 12.13 -11.71
C CYS D 127 -9.75 10.99 -12.01
N LYS D 128 -9.59 9.88 -11.30
CA LYS D 128 -10.49 8.74 -11.40
C LYS D 128 -10.93 8.31 -10.01
N ARG D 129 -12.23 8.10 -9.84
CA ARG D 129 -12.70 7.51 -8.60
C ARG D 129 -13.81 6.51 -8.83
N PRO D 130 -13.80 5.42 -8.05
CA PRO D 130 -14.81 4.38 -8.22
C PRO D 130 -16.20 4.92 -7.97
N TYR D 131 -17.17 4.41 -8.70
CA TYR D 131 -18.56 4.64 -8.33
C TYR D 131 -18.86 3.74 -7.13
N VAL D 132 -19.20 4.35 -6.01
CA VAL D 132 -19.50 3.58 -4.80
C VAL D 132 -20.96 3.73 -4.39
C1 MAN E . -21.65 -23.51 0.52
C2 MAN E . -20.44 -22.58 0.57
C3 MAN E . -20.90 -21.13 0.48
C4 MAN E . -21.79 -20.95 -0.73
C5 MAN E . -22.95 -21.93 -0.68
C6 MAN E . -23.85 -21.80 -1.90
O1 MAN E . -22.43 -23.32 1.68
O2 MAN E . -19.58 -22.88 -0.51
O3 MAN E . -19.81 -20.26 0.35
O4 MAN E . -22.25 -19.63 -0.68
O5 MAN E . -22.44 -23.25 -0.62
O6 MAN E . -25.02 -22.57 -1.70
CA CA F . -20.47 -17.89 -0.31
C1 MAN G . 5.41 30.95 5.82
C2 MAN G . 5.25 29.54 5.28
C3 MAN G . 3.99 28.90 5.85
C4 MAN G . 4.01 29.02 7.36
C5 MAN G . 4.21 30.48 7.76
C6 MAN G . 4.24 30.66 9.26
O1 MAN G . 4.28 31.71 5.45
O2 MAN G . 6.37 28.78 5.67
O3 MAN G . 3.94 27.53 5.50
O4 MAN G . 2.83 28.50 7.90
O5 MAN G . 5.44 30.91 7.23
O6 MAN G . 4.20 32.04 9.55
CA CA H . 2.36 26.20 6.98
C1 MAN I . 6.54 -25.08 20.10
C2 MAN I . 6.04 -24.03 19.10
C3 MAN I . 7.21 -23.38 18.38
C4 MAN I . 8.22 -22.88 19.40
C5 MAN I . 8.63 -24.03 20.32
C6 MAN I . 9.67 -23.58 21.33
O1 MAN I . 7.15 -26.13 19.40
O2 MAN I . 5.29 -23.05 19.79
O3 MAN I . 6.76 -22.31 17.58
O4 MAN I . 9.36 -22.36 18.74
O5 MAN I . 7.47 -24.49 20.98
O6 MAN I . 10.26 -24.71 21.94
CA CA J . 8.69 -20.81 16.85
C1 MAN K . 9.10 16.87 -26.31
C2 MAN K . 8.72 16.30 -24.94
C3 MAN K . 9.26 14.90 -24.76
C4 MAN K . 8.83 14.04 -25.93
C5 MAN K . 9.25 14.71 -27.25
C6 MAN K . 8.84 13.89 -28.47
O1 MAN K . 10.50 17.00 -26.38
O2 MAN K . 7.32 16.29 -24.83
O3 MAN K . 8.75 14.35 -23.57
O4 MAN K . 9.42 12.76 -25.81
O5 MAN K . 8.65 16.00 -27.34
O6 MAN K . 9.34 14.50 -29.63
CA CA L . 9.05 11.88 -23.48
#